data_3IQC
#
_entry.id   3IQC
#
_cell.length_a   92.469
_cell.length_b   92.469
_cell.length_c   144.292
_cell.angle_alpha   90.00
_cell.angle_beta   90.00
_cell.angle_gamma   90.00
#
_symmetry.space_group_name_H-M   'I 41 2 2'
#
loop_
_entity.id
_entity.type
_entity.pdbx_description
1 polymer 'Flagellar protein'
2 water water
#
_entity_poly.entity_id   1
_entity_poly.type   'polypeptide(L)'
_entity_poly.pdbx_seq_one_letter_code
;GPLGSMQYANAYQAYQHNRVSVESPAKLIEMLYEGILRFSSQAKRCIENEDIEKKIYYINRVTDIFTELLNILDYEKGGE
VAVYLTGLYTHQIKVLTQANVENDASKIDLVLNVARGLLEAWREIHSDELA
;
_entity_poly.pdbx_strand_id   A,B
#
# COMPACT_ATOMS: atom_id res chain seq x y z
N TYR A 8 -22.80 -0.21 14.25
CA TYR A 8 -21.64 -0.92 13.64
C TYR A 8 -20.32 -0.67 14.39
N ALA A 9 -20.11 0.55 14.94
CA ALA A 9 -18.78 1.03 15.36
C ALA A 9 -18.75 2.49 15.95
N ASN A 10 -18.26 2.64 17.21
CA ASN A 10 -18.19 3.99 17.92
C ASN A 10 -17.39 3.94 19.26
N ALA A 11 -17.09 5.12 19.83
CA ALA A 11 -16.44 5.26 21.17
C ALA A 11 -15.20 4.39 21.36
N TYR A 12 -14.20 4.48 20.46
CA TYR A 12 -12.92 3.61 20.50
C TYR A 12 -11.55 4.08 19.77
N GLN A 13 -10.47 3.47 20.26
CA GLN A 13 -9.21 3.35 19.59
C GLN A 13 -8.94 1.83 19.48
N ALA A 14 -9.03 1.32 18.26
CA ALA A 14 -9.00 -0.10 17.99
C ALA A 14 -7.66 -0.54 17.32
N TYR A 15 -6.69 0.36 17.27
CA TYR A 15 -5.39 0.12 16.66
C TYR A 15 -4.23 0.39 17.64
N GLN A 16 -3.03 -0.11 17.29
CA GLN A 16 -1.79 -0.12 18.12
C GLN A 16 -0.65 0.84 17.60
N HIS A 17 0.14 1.39 18.54
CA HIS A 17 1.27 2.36 18.24
C HIS A 17 0.70 3.77 18.08
N GLU A 23 2.57 14.51 17.23
CA GLU A 23 2.63 13.06 16.98
C GLU A 23 1.27 12.40 17.09
N SER A 24 0.79 11.84 15.98
CA SER A 24 -0.63 11.55 15.81
C SER A 24 -1.04 10.22 15.12
N PRO A 25 -1.24 9.19 15.90
CA PRO A 25 -1.57 7.90 15.33
C PRO A 25 -2.80 7.89 14.42
N ALA A 26 -3.77 8.77 14.67
CA ALA A 26 -5.02 8.80 13.87
C ALA A 26 -4.87 9.12 12.35
N LYS A 27 -4.01 10.09 12.05
CA LYS A 27 -3.71 10.46 10.67
C LYS A 27 -3.21 9.26 9.82
N LEU A 28 -2.49 8.37 10.46
CA LEU A 28 -1.98 7.21 9.79
C LEU A 28 -3.06 6.34 9.32
N ILE A 29 -4.06 6.16 10.14
CA ILE A 29 -5.19 5.33 9.74
C ILE A 29 -5.93 5.95 8.60
N GLU A 30 -6.18 7.25 8.67
CA GLU A 30 -6.82 8.02 7.53
C GLU A 30 -6.10 7.72 6.21
N MET A 31 -4.77 7.79 6.20
CA MET A 31 -4.02 7.56 4.99
C MET A 31 -4.28 6.17 4.45
N LEU A 32 -4.36 5.17 5.31
CA LEU A 32 -4.53 3.80 4.84
C LEU A 32 -5.93 3.69 4.24
N TYR A 33 -6.96 4.15 5.01
CA TYR A 33 -8.36 4.18 4.48
C TYR A 33 -8.45 5.01 3.16
N GLU A 34 -7.71 6.10 3.00
CA GLU A 34 -7.72 6.89 1.76
C GLU A 34 -7.10 6.10 0.63
N GLY A 35 -5.93 5.54 0.84
CA GLY A 35 -5.34 4.57 -0.07
C GLY A 35 -6.32 3.53 -0.56
N ILE A 36 -7.14 2.96 0.33
CA ILE A 36 -8.08 1.94 -0.12
C ILE A 36 -9.07 2.54 -1.12
N LEU A 37 -9.67 3.66 -0.73
CA LEU A 37 -10.59 4.51 -1.58
C LEU A 37 -9.99 4.79 -2.92
N ARG A 38 -8.83 5.37 -2.92
CA ARG A 38 -8.15 5.72 -4.13
C ARG A 38 -7.84 4.61 -5.13
N PHE A 39 -7.26 3.55 -4.64
CA PHE A 39 -6.75 2.48 -5.47
C PHE A 39 -7.92 1.62 -5.89
N SER A 40 -8.95 1.63 -5.08
CA SER A 40 -10.11 0.81 -5.35
C SER A 40 -10.80 1.46 -6.54
N SER A 41 -10.88 2.79 -6.43
CA SER A 41 -11.46 3.64 -7.44
C SER A 41 -10.65 3.55 -8.68
N GLN A 42 -9.35 3.50 -8.58
CA GLN A 42 -8.53 3.35 -9.77
C GLN A 42 -8.70 1.94 -10.33
N ALA A 43 -8.76 0.98 -9.45
CA ALA A 43 -9.00 -0.41 -9.84
C ALA A 43 -10.34 -0.62 -10.61
N LYS A 44 -11.40 0.07 -10.18
CA LYS A 44 -12.72 0.05 -10.83
C LYS A 44 -12.61 0.52 -12.27
N ARG A 45 -12.04 1.72 -12.46
CA ARG A 45 -11.64 2.25 -13.77
C ARG A 45 -11.03 1.14 -14.63
N CYS A 46 -10.04 0.45 -14.08
CA CYS A 46 -9.26 -0.51 -14.81
C CYS A 46 -10.04 -1.70 -15.25
N ILE A 47 -10.98 -2.13 -14.44
CA ILE A 47 -11.89 -3.21 -14.83
C ILE A 47 -12.76 -2.85 -16.03
N GLU A 48 -13.32 -1.64 -15.96
CA GLU A 48 -14.12 -1.00 -17.03
C GLU A 48 -13.32 -0.90 -18.36
N ASN A 49 -12.11 -0.32 -18.32
CA ASN A 49 -11.24 -0.15 -19.50
C ASN A 49 -10.60 -1.47 -20.02
N GLU A 50 -10.83 -2.55 -19.31
CA GLU A 50 -10.09 -3.80 -19.47
C GLU A 50 -8.53 -3.63 -19.50
N ASP A 51 -7.93 -3.00 -18.50
CA ASP A 51 -6.46 -3.06 -18.33
C ASP A 51 -6.21 -4.06 -17.19
N ILE A 52 -5.97 -5.32 -17.51
CA ILE A 52 -5.77 -6.38 -16.47
C ILE A 52 -4.51 -6.20 -15.62
N GLU A 53 -3.38 -5.98 -16.28
CA GLU A 53 -2.14 -5.69 -15.60
C GLU A 53 -2.37 -4.58 -14.56
N LYS A 54 -2.92 -3.45 -14.98
CA LYS A 54 -3.04 -2.27 -14.13
C LYS A 54 -3.98 -2.55 -12.99
N LYS A 55 -4.91 -3.46 -13.23
CA LYS A 55 -5.89 -3.86 -12.22
C LYS A 55 -5.30 -4.69 -11.09
N ILE A 56 -4.56 -5.73 -11.46
CA ILE A 56 -3.81 -6.57 -10.48
C ILE A 56 -2.95 -5.60 -9.64
N TYR A 57 -2.24 -4.62 -10.24
CA TYR A 57 -1.45 -3.65 -9.44
C TYR A 57 -2.30 -3.03 -8.36
N TYR A 58 -3.36 -2.35 -8.79
CA TYR A 58 -4.16 -1.50 -7.94
C TYR A 58 -4.85 -2.35 -6.88
N ILE A 59 -5.36 -3.55 -7.22
CA ILE A 59 -5.91 -4.48 -6.16
C ILE A 59 -4.88 -4.95 -5.09
N ASN A 60 -3.67 -5.38 -5.54
CA ASN A 60 -2.66 -5.84 -4.64
C ASN A 60 -2.27 -4.74 -3.64
N ARG A 61 -2.38 -3.49 -4.04
CA ARG A 61 -2.12 -2.36 -3.14
C ARG A 61 -3.22 -2.20 -2.15
N VAL A 62 -4.47 -2.43 -2.58
CA VAL A 62 -5.58 -2.27 -1.64
C VAL A 62 -5.44 -3.40 -0.62
N THR A 63 -5.10 -4.58 -1.12
CA THR A 63 -4.94 -5.76 -0.30
C THR A 63 -3.80 -5.57 0.70
N ASP A 64 -2.66 -5.13 0.23
CA ASP A 64 -1.57 -4.79 1.14
C ASP A 64 -1.97 -3.87 2.30
N ILE A 65 -2.95 -3.02 2.08
CA ILE A 65 -3.41 -2.11 3.10
C ILE A 65 -4.26 -2.80 4.12
N PHE A 66 -5.31 -3.44 3.68
CA PHE A 66 -6.06 -4.25 4.63
C PHE A 66 -5.22 -5.22 5.42
N THR A 67 -4.21 -5.83 4.77
CA THR A 67 -3.27 -6.66 5.46
C THR A 67 -2.50 -5.85 6.54
N GLU A 68 -2.16 -4.60 6.25
CA GLU A 68 -1.52 -3.76 7.23
C GLU A 68 -2.50 -3.42 8.33
N LEU A 69 -3.70 -3.12 7.91
CA LEU A 69 -4.71 -2.74 8.86
C LEU A 69 -4.92 -3.95 9.81
N LEU A 70 -4.90 -5.17 9.31
CA LEU A 70 -5.14 -6.34 10.16
C LEU A 70 -4.03 -6.50 11.22
N ASN A 71 -2.78 -6.19 10.89
CA ASN A 71 -1.65 -6.47 11.74
C ASN A 71 -1.54 -5.50 12.86
N ILE A 72 -2.17 -4.34 12.78
CA ILE A 72 -2.02 -3.30 13.80
C ILE A 72 -3.34 -3.13 14.62
N LEU A 73 -4.23 -4.11 14.58
CA LEU A 73 -5.42 -4.13 15.46
C LEU A 73 -5.06 -4.54 16.92
N ASP A 74 -5.66 -3.82 17.88
CA ASP A 74 -5.54 -4.11 19.29
C ASP A 74 -6.75 -4.89 19.82
N TYR A 75 -6.54 -6.18 20.10
CA TYR A 75 -7.63 -7.01 20.61
C TYR A 75 -7.93 -6.71 22.06
N GLU A 76 -6.97 -6.15 22.79
CA GLU A 76 -7.18 -5.79 24.20
C GLU A 76 -8.00 -4.54 24.36
N LYS A 77 -7.52 -3.47 23.77
CA LYS A 77 -8.15 -2.19 23.96
C LYS A 77 -9.30 -1.90 23.02
N GLY A 78 -9.37 -2.67 21.94
CA GLY A 78 -10.39 -2.48 20.90
C GLY A 78 -11.64 -3.34 21.04
N GLY A 79 -11.56 -4.36 21.88
CA GLY A 79 -12.74 -5.10 22.24
C GLY A 79 -13.49 -5.61 21.06
N GLU A 80 -14.78 -5.49 21.15
CA GLU A 80 -15.70 -6.13 20.24
C GLU A 80 -15.51 -5.52 18.85
N VAL A 81 -15.21 -4.25 18.84
CA VAL A 81 -15.00 -3.56 17.62
C VAL A 81 -13.70 -3.99 16.94
N ALA A 82 -12.67 -4.43 17.67
CA ALA A 82 -11.49 -5.09 17.03
C ALA A 82 -11.82 -6.42 16.37
N VAL A 83 -12.81 -7.10 16.95
CA VAL A 83 -13.26 -8.39 16.45
C VAL A 83 -14.02 -8.11 15.17
N TYR A 84 -14.89 -7.11 15.18
CA TYR A 84 -15.67 -6.76 14.02
C TYR A 84 -14.79 -6.40 12.79
N LEU A 85 -13.80 -5.54 12.99
CA LEU A 85 -12.84 -5.20 11.92
C LEU A 85 -12.02 -6.36 11.39
N THR A 86 -11.63 -7.33 12.23
CA THR A 86 -10.91 -8.48 11.76
C THR A 86 -11.84 -9.14 10.72
N GLY A 87 -13.12 -9.12 11.04
CA GLY A 87 -14.10 -9.71 10.11
C GLY A 87 -14.23 -8.92 8.85
N LEU A 88 -14.22 -7.62 9.03
CA LEU A 88 -14.42 -6.69 7.96
C LEU A 88 -13.27 -6.80 7.02
N TYR A 89 -12.05 -6.74 7.57
CA TYR A 89 -10.91 -6.77 6.72
C TYR A 89 -10.68 -8.06 5.99
N THR A 90 -10.74 -9.22 6.67
CA THR A 90 -10.40 -10.49 6.01
C THR A 90 -11.46 -10.77 4.92
N HIS A 91 -12.71 -10.39 5.20
CA HIS A 91 -13.77 -10.43 4.17
C HIS A 91 -13.49 -9.53 2.95
N GLN A 92 -13.19 -8.27 3.26
CA GLN A 92 -12.78 -7.30 2.28
C GLN A 92 -11.68 -7.88 1.40
N ILE A 93 -10.76 -8.65 1.91
CA ILE A 93 -9.69 -9.24 1.06
C ILE A 93 -10.29 -10.26 0.17
N LYS A 94 -11.25 -11.00 0.68
CA LYS A 94 -11.80 -12.11 -0.08
C LYS A 94 -12.62 -11.55 -1.22
N VAL A 95 -13.40 -10.56 -0.84
CA VAL A 95 -14.21 -9.80 -1.81
C VAL A 95 -13.31 -9.21 -2.91
N LEU A 96 -12.21 -8.61 -2.53
CA LEU A 96 -11.21 -8.11 -3.47
C LEU A 96 -10.68 -9.23 -4.42
N THR A 97 -10.28 -10.36 -3.88
CA THR A 97 -9.82 -11.45 -4.71
C THR A 97 -10.93 -11.86 -5.72
N GLN A 98 -12.19 -11.85 -5.31
CA GLN A 98 -13.28 -12.20 -6.20
C GLN A 98 -13.48 -11.18 -7.32
N ALA A 99 -13.41 -9.91 -6.95
CA ALA A 99 -13.62 -8.83 -7.87
C ALA A 99 -12.53 -8.87 -8.95
N ASN A 100 -11.33 -9.26 -8.53
CA ASN A 100 -10.19 -9.47 -9.40
C ASN A 100 -10.48 -10.60 -10.32
N VAL A 101 -10.61 -11.79 -9.76
CA VAL A 101 -10.64 -13.02 -10.55
C VAL A 101 -11.78 -12.98 -11.54
N GLU A 102 -12.95 -12.57 -11.06
CA GLU A 102 -14.14 -12.67 -11.88
C GLU A 102 -14.56 -11.34 -12.53
N ASN A 103 -13.68 -10.33 -12.40
CA ASN A 103 -13.83 -9.06 -13.10
C ASN A 103 -15.15 -8.30 -12.82
N ASP A 104 -15.46 -8.06 -11.56
CA ASP A 104 -16.72 -7.48 -11.17
C ASP A 104 -16.49 -6.11 -10.54
N ALA A 105 -17.04 -5.08 -11.15
CA ALA A 105 -16.96 -3.70 -10.65
C ALA A 105 -17.99 -3.41 -9.57
N SER A 106 -19.17 -4.04 -9.59
CA SER A 106 -20.16 -3.88 -8.51
C SER A 106 -19.55 -4.24 -7.17
N LYS A 107 -18.61 -5.17 -7.24
CA LYS A 107 -17.91 -5.68 -6.08
C LYS A 107 -16.93 -4.70 -5.47
N ILE A 108 -16.12 -4.04 -6.29
CA ILE A 108 -15.31 -2.94 -5.79
C ILE A 108 -16.16 -1.80 -5.21
N ASP A 109 -17.31 -1.52 -5.81
CA ASP A 109 -18.26 -0.63 -5.16
C ASP A 109 -18.60 -1.01 -3.73
N LEU A 110 -18.70 -2.32 -3.45
CA LEU A 110 -19.03 -2.75 -2.08
C LEU A 110 -17.88 -2.35 -1.12
N VAL A 111 -16.64 -2.60 -1.57
CA VAL A 111 -15.45 -2.28 -0.76
C VAL A 111 -15.27 -0.78 -0.52
N LEU A 112 -15.34 0.00 -1.57
CA LEU A 112 -15.47 1.47 -1.53
C LEU A 112 -16.51 2.00 -0.57
N ASN A 113 -17.75 1.50 -0.66
CA ASN A 113 -18.78 1.92 0.28
C ASN A 113 -18.28 1.59 1.63
N VAL A 114 -17.47 0.54 1.76
CA VAL A 114 -17.11 0.14 3.10
C VAL A 114 -16.07 1.08 3.67
N ALA A 115 -15.03 1.38 2.89
CA ALA A 115 -13.99 2.24 3.37
C ALA A 115 -14.51 3.67 3.58
N ARG A 116 -15.50 4.11 2.82
CA ARG A 116 -16.11 5.36 3.08
C ARG A 116 -16.72 5.40 4.44
N GLY A 117 -17.49 4.38 4.81
CA GLY A 117 -18.10 4.42 6.13
C GLY A 117 -17.09 4.45 7.24
N LEU A 118 -16.02 3.69 7.09
CA LEU A 118 -15.01 3.63 8.11
C LEU A 118 -14.39 4.94 8.25
N LEU A 119 -14.09 5.54 7.11
CA LEU A 119 -13.33 6.80 7.09
C LEU A 119 -14.17 7.94 7.63
N GLU A 120 -15.43 7.96 7.25
CA GLU A 120 -16.32 8.96 7.78
C GLU A 120 -16.40 8.84 9.29
N ALA A 121 -16.53 7.62 9.79
CA ALA A 121 -16.64 7.41 11.24
C ALA A 121 -15.37 7.83 11.92
N TRP A 122 -14.23 7.51 11.32
CA TRP A 122 -12.93 7.77 11.89
C TRP A 122 -12.70 9.24 11.98
N ARG A 123 -13.03 9.96 10.91
CA ARG A 123 -13.00 11.43 10.93
C ARG A 123 -13.97 12.09 11.88
N GLU A 124 -15.18 11.54 11.97
CA GLU A 124 -16.16 11.99 12.97
C GLU A 124 -15.62 12.01 14.40
N ILE A 125 -14.92 10.95 14.78
CA ILE A 125 -14.29 10.85 16.11
C ILE A 125 -13.06 11.73 16.29
N HIS A 126 -12.30 11.93 15.24
CA HIS A 126 -11.13 12.80 15.32
C HIS A 126 -11.32 14.10 14.53
N SER A 127 -12.46 14.73 14.81
CA SER A 127 -12.97 15.83 14.01
C SER A 127 -11.94 16.94 13.95
N ASP A 128 -11.41 17.35 15.09
CA ASP A 128 -10.51 18.46 15.08
C ASP A 128 -9.09 18.13 14.45
N GLU A 129 -8.62 16.89 14.68
CA GLU A 129 -7.23 16.41 14.38
C GLU A 129 -7.04 16.15 12.91
N LEU A 130 -8.10 15.69 12.26
CA LEU A 130 -8.00 15.24 10.87
C LEU A 130 -8.51 16.25 9.80
N ALA A 131 -8.82 17.45 10.29
CA ALA A 131 -9.19 18.60 9.50
C ALA A 131 -8.14 18.92 8.45
N PRO B 25 2.11 -9.35 -18.97
CA PRO B 25 3.07 -9.64 -17.87
C PRO B 25 4.15 -8.56 -17.59
N ALA B 26 4.64 -7.90 -18.61
CA ALA B 26 5.70 -6.96 -18.43
C ALA B 26 5.16 -5.65 -17.92
N LYS B 27 3.95 -5.26 -18.36
CA LYS B 27 3.29 -4.00 -17.90
C LYS B 27 3.06 -4.04 -16.38
N LEU B 28 2.87 -5.24 -15.85
CA LEU B 28 2.79 -5.44 -14.42
C LEU B 28 4.00 -4.96 -13.73
N ILE B 29 5.15 -5.43 -14.19
CA ILE B 29 6.42 -4.99 -13.62
C ILE B 29 6.61 -3.51 -13.74
N GLU B 30 6.33 -2.95 -14.91
CA GLU B 30 6.37 -1.50 -15.11
C GLU B 30 5.53 -0.75 -14.05
N MET B 31 4.30 -1.18 -13.85
CA MET B 31 3.48 -0.48 -12.85
C MET B 31 4.09 -0.52 -11.46
N LEU B 32 4.72 -1.65 -11.12
CA LEU B 32 5.37 -1.81 -9.80
C LEU B 32 6.59 -0.87 -9.66
N TYR B 33 7.39 -0.80 -10.74
CA TYR B 33 8.51 0.16 -10.79
C TYR B 33 8.04 1.62 -10.70
N GLU B 34 6.94 1.93 -11.33
CA GLU B 34 6.37 3.26 -11.24
C GLU B 34 5.81 3.61 -9.85
N GLY B 35 5.24 2.63 -9.19
CA GLY B 35 4.73 2.80 -7.83
C GLY B 35 5.82 3.19 -6.87
N ILE B 36 6.95 2.49 -6.94
CA ILE B 36 8.09 2.85 -6.13
C ILE B 36 8.45 4.29 -6.46
N LEU B 37 8.49 4.62 -7.76
CA LEU B 37 9.05 5.91 -8.18
C LEU B 37 8.25 7.01 -7.51
N ARG B 38 6.95 6.76 -7.44
CA ARG B 38 5.96 7.76 -7.17
C ARG B 38 5.85 7.89 -5.68
N PHE B 39 5.76 6.72 -5.04
CA PHE B 39 5.59 6.68 -3.62
C PHE B 39 6.80 7.11 -2.94
N SER B 40 7.94 6.86 -3.56
CA SER B 40 9.25 7.21 -2.99
C SER B 40 9.36 8.71 -3.04
N SER B 41 9.03 9.29 -4.18
CA SER B 41 9.06 10.73 -4.44
C SER B 41 8.13 11.35 -3.44
N GLN B 42 7.00 10.69 -3.21
CA GLN B 42 6.07 11.22 -2.24
C GLN B 42 6.65 11.08 -0.78
N ALA B 43 7.21 9.92 -0.40
CA ALA B 43 7.84 9.80 0.92
C ALA B 43 8.93 10.86 1.10
N LYS B 44 9.70 11.12 0.05
CA LYS B 44 10.73 12.17 0.10
C LYS B 44 10.07 13.42 0.57
N ARG B 45 9.11 13.88 -0.22
CA ARG B 45 8.50 15.18 0.05
C ARG B 45 7.97 15.28 1.52
N CYS B 46 7.45 14.17 2.06
CA CYS B 46 6.89 14.13 3.41
C CYS B 46 7.95 14.28 4.50
N ILE B 47 9.20 13.91 4.19
CA ILE B 47 10.30 14.12 5.10
C ILE B 47 10.69 15.59 5.14
N GLU B 48 10.68 16.22 3.96
CA GLU B 48 11.01 17.66 3.82
C GLU B 48 10.01 18.50 4.68
N ASN B 49 8.73 18.13 4.62
CA ASN B 49 7.68 18.87 5.34
C ASN B 49 7.46 18.36 6.76
N GLU B 50 8.26 17.37 7.17
CA GLU B 50 8.03 16.65 8.42
C GLU B 50 6.54 16.29 8.60
N ASP B 51 5.98 15.45 7.70
CA ASP B 51 4.74 14.70 7.99
C ASP B 51 5.13 13.24 8.23
N ILE B 52 5.05 12.84 9.49
CA ILE B 52 5.66 11.58 9.90
C ILE B 52 4.69 10.50 9.50
N GLU B 53 3.47 10.70 9.89
CA GLU B 53 2.44 9.79 9.61
C GLU B 53 2.34 9.52 8.09
N LYS B 54 2.44 10.56 7.27
CA LYS B 54 2.29 10.41 5.84
C LYS B 54 3.49 9.60 5.26
N LYS B 55 4.66 9.82 5.80
CA LYS B 55 5.90 9.14 5.40
C LYS B 55 5.90 7.62 5.65
N ILE B 56 5.52 7.23 6.86
CA ILE B 56 5.37 5.83 7.17
C ILE B 56 4.42 5.24 6.13
N TYR B 57 3.21 5.83 5.94
CA TYR B 57 2.29 5.41 4.87
C TYR B 57 3.06 5.16 3.59
N TYR B 58 3.61 6.19 3.02
CA TYR B 58 4.20 6.05 1.70
C TYR B 58 5.37 5.07 1.67
N ILE B 59 6.24 5.11 2.68
CA ILE B 59 7.35 4.11 2.69
C ILE B 59 6.80 2.66 2.78
N ASN B 60 5.77 2.48 3.60
CA ASN B 60 5.20 1.14 3.70
C ASN B 60 4.76 0.67 2.37
N ARG B 61 4.38 1.64 1.54
CA ARG B 61 3.76 1.30 0.31
C ARG B 61 4.83 0.78 -0.64
N VAL B 62 5.98 1.43 -0.59
CA VAL B 62 7.15 1.07 -1.43
C VAL B 62 7.71 -0.22 -0.97
N THR B 63 7.77 -0.41 0.35
CA THR B 63 8.21 -1.65 0.91
C THR B 63 7.33 -2.75 0.41
N ASP B 64 6.04 -2.51 0.39
CA ASP B 64 5.11 -3.56 -0.04
C ASP B 64 5.39 -3.96 -1.49
N ILE B 65 5.96 -3.02 -2.25
CA ILE B 65 6.13 -3.24 -3.67
C ILE B 65 7.32 -4.09 -3.88
N PHE B 66 8.45 -3.69 -3.33
CA PHE B 66 9.62 -4.59 -3.40
C PHE B 66 9.42 -6.00 -2.84
N THR B 67 8.49 -6.14 -1.87
CA THR B 67 8.21 -7.44 -1.29
C THR B 67 7.50 -8.25 -2.32
N GLU B 68 6.49 -7.64 -2.91
CA GLU B 68 5.83 -8.22 -4.12
C GLU B 68 6.85 -8.62 -5.18
N LEU B 69 7.69 -7.66 -5.57
CA LEU B 69 8.73 -7.92 -6.55
C LEU B 69 9.54 -9.15 -6.15
N LEU B 70 10.07 -9.15 -4.91
CA LEU B 70 10.80 -10.30 -4.36
C LEU B 70 10.03 -11.66 -4.38
N ASN B 71 8.72 -11.63 -4.12
CA ASN B 71 7.92 -12.85 -4.24
C ASN B 71 7.67 -13.40 -5.63
N ILE B 72 7.98 -12.64 -6.69
CA ILE B 72 7.73 -13.11 -8.07
C ILE B 72 9.01 -13.32 -8.95
N LEU B 73 10.16 -13.44 -8.33
CA LEU B 73 11.40 -13.68 -9.04
C LEU B 73 11.48 -15.13 -9.35
N ASP B 74 11.95 -15.43 -10.53
CA ASP B 74 12.23 -16.81 -10.92
C ASP B 74 13.76 -17.12 -10.82
N TYR B 75 14.19 -18.07 -9.99
CA TYR B 75 15.65 -18.31 -9.78
C TYR B 75 16.24 -19.23 -10.80
N GLU B 76 15.36 -19.87 -11.53
CA GLU B 76 15.76 -20.86 -12.48
C GLU B 76 16.06 -20.15 -13.77
N LYS B 77 15.06 -19.42 -14.26
CA LYS B 77 15.12 -18.79 -15.60
C LYS B 77 15.93 -17.49 -15.56
N GLY B 78 15.83 -16.76 -14.44
CA GLY B 78 16.59 -15.53 -14.19
C GLY B 78 18.04 -15.69 -13.71
N GLY B 79 18.50 -16.95 -13.59
CA GLY B 79 19.86 -17.23 -13.14
C GLY B 79 20.47 -16.13 -12.28
N GLU B 80 21.50 -15.52 -12.84
CA GLU B 80 22.35 -14.55 -12.16
C GLU B 80 21.68 -13.24 -11.80
N VAL B 81 20.82 -12.74 -12.66
CA VAL B 81 20.30 -11.39 -12.48
C VAL B 81 19.21 -11.46 -11.44
N ALA B 82 18.50 -12.59 -11.39
CA ALA B 82 17.57 -12.93 -10.34
C ALA B 82 18.31 -12.89 -9.00
N VAL B 83 19.46 -13.53 -8.92
CA VAL B 83 20.24 -13.37 -7.71
C VAL B 83 20.52 -11.88 -7.46
N TYR B 84 21.08 -11.19 -8.43
CA TYR B 84 21.39 -9.74 -8.29
C TYR B 84 20.21 -8.91 -7.77
N LEU B 85 19.01 -9.27 -8.22
CA LEU B 85 17.81 -8.48 -7.89
C LEU B 85 17.33 -8.73 -6.49
N THR B 86 17.45 -9.97 -6.08
CA THR B 86 17.27 -10.30 -4.70
C THR B 86 18.17 -9.39 -3.85
N GLY B 87 19.45 -9.34 -4.18
CA GLY B 87 20.35 -8.47 -3.49
C GLY B 87 19.95 -7.01 -3.53
N LEU B 88 19.31 -6.60 -4.63
CA LEU B 88 18.97 -5.21 -4.82
C LEU B 88 17.75 -4.90 -4.04
N TYR B 89 16.74 -5.74 -4.16
CA TYR B 89 15.50 -5.49 -3.45
C TYR B 89 15.63 -5.66 -1.95
N THR B 90 16.34 -6.68 -1.43
CA THR B 90 16.43 -6.83 0.06
C THR B 90 17.22 -5.59 0.57
N HIS B 91 18.24 -5.21 -0.22
CA HIS B 91 19.01 -4.01 0.12
C HIS B 91 18.13 -2.78 0.15
N GLN B 92 17.25 -2.64 -0.85
CA GLN B 92 16.38 -1.44 -1.02
C GLN B 92 15.43 -1.21 0.16
N ILE B 93 14.94 -2.30 0.76
CA ILE B 93 14.07 -2.29 1.97
C ILE B 93 14.85 -1.87 3.21
N LYS B 94 16.10 -2.31 3.32
CA LYS B 94 16.92 -1.97 4.47
C LYS B 94 17.23 -0.45 4.41
N VAL B 95 17.66 -0.01 3.22
CA VAL B 95 17.89 1.41 2.90
C VAL B 95 16.64 2.21 3.19
N LEU B 96 15.49 1.72 2.75
CA LEU B 96 14.19 2.36 3.05
C LEU B 96 13.91 2.48 4.55
N THR B 97 13.97 1.36 5.28
CA THR B 97 13.87 1.32 6.77
C THR B 97 14.78 2.39 7.41
N GLN B 98 15.97 2.59 6.86
CA GLN B 98 16.92 3.59 7.42
C GLN B 98 16.40 4.99 7.21
N ALA B 99 16.05 5.26 5.95
CA ALA B 99 15.50 6.52 5.51
C ALA B 99 14.27 6.88 6.34
N ASN B 100 13.44 5.85 6.59
CA ASN B 100 12.28 5.98 7.44
C ASN B 100 12.76 6.35 8.81
N VAL B 101 13.62 5.51 9.38
CA VAL B 101 13.91 5.52 10.82
C VAL B 101 14.62 6.80 11.14
N GLU B 102 15.58 7.19 10.31
CA GLU B 102 16.48 8.31 10.62
C GLU B 102 16.17 9.55 9.76
N ASN B 103 15.01 9.57 9.10
CA ASN B 103 14.50 10.76 8.39
C ASN B 103 15.45 11.43 7.38
N ASP B 104 16.07 10.64 6.52
CA ASP B 104 17.09 11.10 5.55
C ASP B 104 16.51 11.01 4.13
N ALA B 105 16.42 12.14 3.45
CA ALA B 105 15.84 12.19 2.11
C ALA B 105 16.84 11.77 1.03
N SER B 106 18.10 12.17 1.19
CA SER B 106 19.21 11.78 0.30
C SER B 106 19.19 10.27 0.04
N LYS B 107 18.65 9.55 1.00
CA LYS B 107 18.55 8.12 0.92
C LYS B 107 17.45 7.65 -0.02
N ILE B 108 16.27 8.25 0.11
CA ILE B 108 15.21 8.01 -0.85
C ILE B 108 15.69 8.33 -2.24
N ASP B 109 16.52 9.35 -2.40
CA ASP B 109 17.08 9.55 -3.72
C ASP B 109 17.81 8.31 -4.22
N LEU B 110 18.68 7.74 -3.40
CA LEU B 110 19.42 6.58 -3.83
C LEU B 110 18.45 5.51 -4.36
N VAL B 111 17.32 5.35 -3.69
CA VAL B 111 16.27 4.40 -4.14
C VAL B 111 15.56 4.87 -5.42
N LEU B 112 15.07 6.10 -5.39
CA LEU B 112 14.68 6.76 -6.64
C LEU B 112 15.63 6.45 -7.87
N ASN B 113 16.95 6.64 -7.72
CA ASN B 113 17.92 6.43 -8.83
C ASN B 113 18.00 4.96 -9.22
N VAL B 114 17.67 4.08 -8.28
CA VAL B 114 17.67 2.67 -8.55
C VAL B 114 16.48 2.26 -9.39
N ALA B 115 15.26 2.47 -8.91
CA ALA B 115 14.03 2.21 -9.68
C ALA B 115 14.13 2.89 -11.03
N ARG B 116 14.57 4.15 -11.05
CA ARG B 116 14.78 4.87 -12.33
C ARG B 116 15.59 4.04 -13.30
N GLY B 117 16.79 3.66 -12.86
CA GLY B 117 17.65 2.75 -13.60
C GLY B 117 17.00 1.40 -13.91
N LEU B 118 16.25 0.80 -13.00
CA LEU B 118 15.60 -0.46 -13.32
C LEU B 118 14.54 -0.23 -14.40
N LEU B 119 13.75 0.84 -14.26
CA LEU B 119 12.58 1.08 -15.13
C LEU B 119 12.96 1.47 -16.52
N GLU B 120 14.05 2.24 -16.64
CA GLU B 120 14.65 2.62 -17.94
C GLU B 120 15.18 1.34 -18.70
N ALA B 121 15.87 0.45 -17.98
CA ALA B 121 16.23 -0.90 -18.44
C ALA B 121 15.05 -1.77 -18.91
N TRP B 122 13.99 -1.83 -18.10
CA TRP B 122 12.74 -2.60 -18.45
C TRP B 122 12.06 -2.19 -19.82
N ARG B 123 11.68 -0.91 -19.91
CA ARG B 123 11.16 -0.34 -21.15
C ARG B 123 12.09 -0.61 -22.37
N GLU B 124 13.40 -0.32 -22.20
CA GLU B 124 14.42 -0.56 -23.25
C GLU B 124 14.28 -1.98 -23.84
N ILE B 125 14.18 -3.03 -23.02
CA ILE B 125 13.80 -4.35 -23.55
C ILE B 125 12.28 -4.33 -23.90
#